data_2BI8
#
_entry.id   2BI8
#
_cell.length_a   85.997
_cell.length_b   85.997
_cell.length_c   100.809
_cell.angle_alpha   90.00
_cell.angle_beta   90.00
_cell.angle_gamma   120.00
#
_symmetry.space_group_name_H-M   'P 32 2 1'
#
loop_
_entity.id
_entity.type
_entity.pdbx_description
1 polymer 'UDP-GALACTOPYRANOSE MUTASE'
2 non-polymer 'FLAVIN-ADENINE DINUCLEOTIDE'
3 water water
#
_entity_poly.entity_id   1
_entity_poly.type   'polypeptide(L)'
_entity_poly.pdbx_seq_one_letter_code
;MKSKKILIVGAGFSGAVIGRQLAEKGHQVHIIDQRDHIGGNSYDARDSETNVMVHVYGPHIFHTDNETVWNYVNKHAEMM
PYVNRVKATVNGQVFSLPINLHTINQFFSKTCSPDEARALIAEKGDSTIADPQTFEEEALRFIGKELYEAFFKGYTIKQW
GMQPSELPASILKRLPVRFNYDDNYFNHKFQGMPKCGYTQMIKSILNHENIKVDLQREFIVEERTHYDHVFYSGPLDAFY
GYQYGRLGYRTLDFKKFTYQGDYQGCAVMNYCSVDVPYTRITEHKYFSPWEQHDGSVCYKEYSRACEENDIPYYPIRQMG
EMALLEKYLSLAENETNITFVGRLGTYRYLDMDVTIAEALKTAEVYLNSLTENQPMPVFTVSVR
;
_entity_poly.pdbx_strand_id   A
#
loop_
_chem_comp.id
_chem_comp.type
_chem_comp.name
_chem_comp.formula
FAD non-polymer 'FLAVIN-ADENINE DINUCLEOTIDE' 'C27 H33 N9 O15 P2'
#
# COMPACT_ATOMS: atom_id res chain seq x y z
N LYS A 2 -8.69 31.61 15.85
CA LYS A 2 -7.84 30.99 16.91
C LYS A 2 -6.81 30.00 16.36
N SER A 3 -5.51 30.32 16.52
CA SER A 3 -4.43 29.41 16.10
C SER A 3 -4.39 28.19 17.02
N LYS A 4 -4.80 27.03 16.49
CA LYS A 4 -4.93 25.83 17.33
C LYS A 4 -3.62 25.06 17.47
N LYS A 5 -3.43 24.44 18.64
CA LYS A 5 -2.27 23.60 18.91
C LYS A 5 -2.57 22.14 18.60
N ILE A 6 -1.96 21.63 17.53
CA ILE A 6 -2.20 20.28 16.99
C ILE A 6 -1.03 19.30 17.20
N LEU A 7 -1.33 18.12 17.75
CA LEU A 7 -0.38 17.01 17.76
C LEU A 7 -0.72 16.03 16.65
N ILE A 8 0.28 15.68 15.85
CA ILE A 8 0.11 14.65 14.83
C ILE A 8 1.00 13.46 15.16
N VAL A 9 0.40 12.27 15.24
CA VAL A 9 1.17 11.06 15.50
C VAL A 9 1.47 10.30 14.19
N GLY A 10 2.68 10.53 13.66
CA GLY A 10 3.10 9.97 12.39
C GLY A 10 3.55 11.01 11.37
N ALA A 11 4.72 10.77 10.76
CA ALA A 11 5.28 11.65 9.77
C ALA A 11 5.24 11.07 8.33
N GLY A 12 4.28 10.15 8.11
CA GLY A 12 3.96 9.63 6.78
C GLY A 12 3.07 10.59 5.99
N PHE A 13 2.57 10.15 4.83
CA PHE A 13 1.64 10.99 4.06
C PHE A 13 0.47 11.57 4.86
N SER A 14 -0.24 10.72 5.61
CA SER A 14 -1.35 11.17 6.48
C SER A 14 -0.93 12.35 7.37
N GLY A 15 0.10 12.16 8.18
CA GLY A 15 0.55 13.18 9.13
C GLY A 15 1.05 14.42 8.44
N ALA A 16 1.91 14.25 7.44
CA ALA A 16 2.53 15.35 6.72
C ALA A 16 1.51 16.21 6.01
N VAL A 17 0.57 15.56 5.30
CA VAL A 17 -0.46 16.27 4.51
C VAL A 17 -1.50 16.99 5.40
N ILE A 18 -2.01 16.33 6.45
CA ILE A 18 -2.85 17.05 7.40
C ILE A 18 -2.04 18.21 8.02
N GLY A 19 -0.85 17.91 8.51
CA GLY A 19 0.02 18.93 9.10
C GLY A 19 0.21 20.20 8.28
N ARG A 20 0.55 20.01 7.00
CA ARG A 20 0.83 21.12 6.09
C ARG A 20 -0.42 21.93 5.77
N GLN A 21 -1.56 21.27 5.57
CA GLN A 21 -2.83 21.97 5.35
C GLN A 21 -3.19 22.86 6.54
N LEU A 22 -3.00 22.33 7.73
CA LEU A 22 -3.29 23.05 8.96
C LEU A 22 -2.28 24.17 9.22
N ALA A 23 -1.01 23.89 8.97
CA ALA A 23 0.07 24.86 9.17
C ALA A 23 -0.17 26.11 8.32
N GLU A 24 -0.60 25.88 7.09
CA GLU A 24 -0.85 26.97 6.15
C GLU A 24 -2.00 27.88 6.56
N LYS A 25 -2.89 27.40 7.42
CA LYS A 25 -3.95 28.24 7.99
C LYS A 25 -3.57 28.80 9.37
N GLY A 26 -2.29 28.73 9.70
CA GLY A 26 -1.75 29.49 10.84
C GLY A 26 -1.77 28.70 12.14
N HIS A 27 -2.14 27.43 12.04
CA HIS A 27 -2.11 26.58 13.22
C HIS A 27 -0.70 26.07 13.56
N GLN A 28 -0.49 25.79 14.84
CA GLN A 28 0.83 25.34 15.30
C GLN A 28 0.86 23.82 15.40
N VAL A 29 1.43 23.21 14.36
CA VAL A 29 1.44 21.75 14.17
C VAL A 29 2.73 21.08 14.72
N HIS A 30 2.54 20.10 15.59
CA HIS A 30 3.63 19.34 16.14
C HIS A 30 3.53 17.88 15.69
N ILE A 31 4.50 17.46 14.88
CA ILE A 31 4.52 16.12 14.31
C ILE A 31 5.59 15.29 14.99
N ILE A 32 5.20 14.12 15.49
CA ILE A 32 6.11 13.19 16.14
C ILE A 32 6.13 11.85 15.42
N ASP A 33 7.29 11.21 15.40
CA ASP A 33 7.42 9.85 14.87
C ASP A 33 8.43 9.03 15.66
N GLN A 34 8.01 7.82 16.04
CA GLN A 34 8.85 6.87 16.76
C GLN A 34 10.09 6.46 15.96
N ARG A 35 10.00 6.52 14.63
CA ARG A 35 11.11 6.15 13.76
C ARG A 35 12.16 7.25 13.77
N ASP A 36 13.40 6.91 13.40
CA ASP A 36 14.46 7.92 13.30
C ASP A 36 14.43 8.67 11.95
N HIS A 37 13.30 8.59 11.25
CA HIS A 37 13.16 9.27 9.97
C HIS A 37 11.68 9.48 9.61
N ILE A 38 11.43 10.54 8.84
CA ILE A 38 10.11 10.86 8.33
C ILE A 38 9.72 9.91 7.19
N GLY A 39 8.49 10.05 6.71
CA GLY A 39 8.06 9.32 5.53
C GLY A 39 7.10 8.16 5.80
N GLY A 40 7.17 7.58 6.99
CA GLY A 40 6.37 6.38 7.27
C GLY A 40 6.76 5.25 6.33
N ASN A 41 5.81 4.43 5.90
CA ASN A 41 6.15 3.31 5.03
C ASN A 41 6.53 3.67 3.59
N SER A 42 6.40 4.95 3.24
CA SER A 42 6.74 5.41 1.90
C SER A 42 8.20 5.83 1.82
N TYR A 43 8.88 5.81 2.96
CA TYR A 43 10.28 6.22 3.09
C TYR A 43 11.24 5.47 2.16
N ASP A 44 12.11 6.25 1.52
CA ASP A 44 13.20 5.72 0.74
C ASP A 44 14.49 6.44 1.14
N ALA A 45 15.62 5.79 0.88
CA ALA A 45 16.93 6.32 1.26
C ALA A 45 17.96 5.81 0.25
N ARG A 46 19.03 6.58 0.07
CA ARG A 46 20.08 6.20 -0.86
C ARG A 46 21.09 5.29 -0.17
N ASP A 47 21.17 4.05 -0.65
CA ASP A 47 22.19 3.11 -0.23
C ASP A 47 23.58 3.75 -0.38
N SER A 48 24.37 3.69 0.69
CA SER A 48 25.65 4.39 0.71
C SER A 48 26.70 3.80 -0.24
N GLU A 49 26.74 2.47 -0.31
CA GLU A 49 27.70 1.76 -1.19
C GLU A 49 27.35 1.86 -2.67
N THR A 50 26.07 1.83 -2.98
CA THR A 50 25.60 1.74 -4.37
C THR A 50 24.99 3.05 -4.92
N ASN A 51 24.58 3.92 -4.00
CA ASN A 51 23.85 5.15 -4.31
C ASN A 51 22.48 4.92 -5.00
N VAL A 52 21.95 3.71 -4.86
CA VAL A 52 20.62 3.42 -5.35
C VAL A 52 19.60 3.95 -4.36
N MET A 53 18.62 4.69 -4.86
CA MET A 53 17.40 4.99 -4.12
C MET A 53 16.66 3.69 -3.76
N VAL A 54 16.68 3.32 -2.49
CA VAL A 54 16.02 2.09 -2.04
C VAL A 54 14.66 2.42 -1.39
N HIS A 55 13.60 1.74 -1.83
CA HIS A 55 12.31 1.88 -1.16
C HIS A 55 12.30 0.92 0.04
N VAL A 56 12.51 1.48 1.22
CA VAL A 56 12.89 0.73 2.40
C VAL A 56 11.84 -0.29 2.85
N TYR A 57 10.57 0.08 2.75
CA TYR A 57 9.47 -0.77 3.17
C TYR A 57 8.77 -1.44 1.96
N GLY A 58 9.52 -1.68 0.89
CA GLY A 58 8.99 -2.35 -0.29
C GLY A 58 8.68 -1.40 -1.41
N PRO A 59 8.48 -1.93 -2.64
CA PRO A 59 8.18 -1.09 -3.80
C PRO A 59 7.03 -0.12 -3.56
N HIS A 60 7.28 1.16 -3.86
CA HIS A 60 6.22 2.15 -3.87
C HIS A 60 6.13 2.82 -5.24
N ILE A 61 5.03 2.53 -5.91
CA ILE A 61 4.74 3.02 -7.26
C ILE A 61 3.58 3.99 -7.15
N PHE A 62 3.77 5.21 -7.61
CA PHE A 62 2.71 6.22 -7.51
C PHE A 62 1.79 6.22 -8.70
N HIS A 63 0.50 6.12 -8.41
CA HIS A 63 -0.53 6.05 -9.44
C HIS A 63 -1.83 6.60 -8.88
N THR A 64 -2.48 7.46 -9.66
CA THR A 64 -3.76 8.04 -9.27
C THR A 64 -4.61 8.45 -10.48
N ASP A 65 -5.94 8.39 -10.30
CA ASP A 65 -6.88 8.98 -11.25
C ASP A 65 -7.36 10.31 -10.72
N ASN A 66 -6.91 10.67 -9.53
CA ASN A 66 -7.28 11.94 -8.91
C ASN A 66 -6.32 13.05 -9.32
N GLU A 67 -6.84 13.95 -10.15
CA GLU A 67 -6.00 15.02 -10.68
C GLU A 67 -5.52 16.00 -9.60
N THR A 68 -6.39 16.30 -8.63
CA THR A 68 -6.01 17.14 -7.50
C THR A 68 -4.81 16.56 -6.75
N VAL A 69 -4.83 15.26 -6.53
CA VAL A 69 -3.76 14.61 -5.79
C VAL A 69 -2.46 14.61 -6.62
N TRP A 70 -2.59 14.36 -7.90
CA TRP A 70 -1.48 14.45 -8.83
C TRP A 70 -0.85 15.83 -8.85
N ASN A 71 -1.68 16.87 -8.92
CA ASN A 71 -1.18 18.24 -8.88
C ASN A 71 -0.43 18.50 -7.57
N TYR A 72 -0.97 18.00 -6.46
CA TYR A 72 -0.37 18.14 -5.15
C TYR A 72 1.04 17.56 -5.07
N VAL A 73 1.22 16.33 -5.54
CA VAL A 73 2.55 15.72 -5.50
C VAL A 73 3.56 16.44 -6.41
N ASN A 74 3.10 16.96 -7.56
CA ASN A 74 3.99 17.70 -8.44
C ASN A 74 4.45 19.04 -7.87
N LYS A 75 3.70 19.57 -6.91
CA LYS A 75 4.12 20.76 -6.17
C LYS A 75 5.31 20.43 -5.28
N HIS A 76 5.41 19.19 -4.84
CA HIS A 76 6.42 18.79 -3.84
C HIS A 76 7.55 17.92 -4.35
N ALA A 77 7.54 17.60 -5.65
CA ALA A 77 8.54 16.75 -6.27
C ALA A 77 8.53 16.90 -7.80
N GLU A 78 9.62 16.48 -8.43
CA GLU A 78 9.60 16.32 -9.86
C GLU A 78 9.13 14.89 -10.17
N MET A 79 7.95 14.77 -10.77
CA MET A 79 7.40 13.48 -11.05
C MET A 79 7.88 12.98 -12.42
N MET A 80 8.50 11.80 -12.38
CA MET A 80 9.11 11.21 -13.57
C MET A 80 8.14 10.20 -14.17
N PRO A 81 7.97 10.22 -15.50
CA PRO A 81 7.16 9.18 -16.15
C PRO A 81 7.72 7.81 -15.82
N TYR A 82 6.88 6.94 -15.28
CA TYR A 82 7.28 5.60 -14.92
C TYR A 82 6.03 4.77 -14.96
N VAL A 83 6.02 3.72 -15.77
CA VAL A 83 4.90 2.82 -15.85
C VAL A 83 5.37 1.45 -15.39
N ASN A 84 4.78 0.96 -14.29
CA ASN A 84 5.21 -0.28 -13.68
C ASN A 84 4.80 -1.48 -14.51
N ARG A 85 5.76 -2.36 -14.76
CA ARG A 85 5.51 -3.60 -15.48
C ARG A 85 6.08 -4.76 -14.68
N VAL A 86 5.26 -5.79 -14.47
CA VAL A 86 5.61 -6.88 -13.59
C VAL A 86 5.76 -8.17 -14.37
N LYS A 87 6.84 -8.90 -14.10
CA LYS A 87 6.98 -10.27 -14.56
C LYS A 87 6.70 -11.25 -13.42
N ALA A 88 6.31 -12.47 -13.78
CA ALA A 88 6.15 -13.55 -12.82
C ALA A 88 6.83 -14.84 -13.31
N THR A 89 7.51 -15.49 -12.37
CA THR A 89 8.18 -16.75 -12.65
C THR A 89 7.37 -17.85 -12.00
N VAL A 90 7.07 -18.89 -12.79
CA VAL A 90 6.24 -20.01 -12.33
C VAL A 90 6.24 -21.03 -13.45
N ASN A 91 6.21 -22.31 -13.05
CA ASN A 91 6.26 -23.43 -13.97
C ASN A 91 7.52 -23.41 -14.84
N GLY A 92 8.64 -22.98 -14.26
CA GLY A 92 9.88 -22.84 -15.03
C GLY A 92 9.75 -21.98 -16.28
N GLN A 93 8.93 -20.93 -16.19
CA GLN A 93 8.70 -19.96 -17.26
C GLN A 93 8.55 -18.56 -16.68
N VAL A 94 8.74 -17.53 -17.52
CA VAL A 94 8.59 -16.13 -17.11
C VAL A 94 7.47 -15.49 -17.92
N PHE A 95 6.50 -14.89 -17.24
CA PHE A 95 5.29 -14.36 -17.88
C PHE A 95 5.08 -12.90 -17.56
N SER A 96 4.29 -12.23 -18.38
CA SER A 96 3.80 -10.89 -18.05
C SER A 96 2.62 -10.97 -17.08
N LEU A 97 2.60 -10.04 -16.14
CA LEU A 97 1.43 -9.80 -15.30
C LEU A 97 0.95 -8.40 -15.56
N PRO A 98 -0.36 -8.16 -15.43
CA PRO A 98 -1.44 -9.12 -15.17
C PRO A 98 -1.65 -10.09 -16.35
N ILE A 99 -2.47 -11.11 -16.17
CA ILE A 99 -2.70 -12.05 -17.27
C ILE A 99 -3.27 -11.31 -18.48
N ASN A 100 -2.51 -11.33 -19.58
CA ASN A 100 -2.91 -10.69 -20.82
C ASN A 100 -2.71 -11.63 -22.02
N LEU A 101 -2.91 -11.11 -23.23
CA LEU A 101 -2.80 -11.90 -24.45
C LEU A 101 -1.46 -12.62 -24.58
N HIS A 102 -0.37 -11.94 -24.24
CA HIS A 102 0.94 -12.61 -24.23
C HIS A 102 1.01 -13.72 -23.18
N THR A 103 0.56 -13.45 -21.96
CA THR A 103 0.54 -14.50 -20.92
C THR A 103 -0.16 -15.75 -21.41
N ILE A 104 -1.32 -15.55 -22.05
CA ILE A 104 -2.14 -16.63 -22.55
C ILE A 104 -1.44 -17.33 -23.69
N ASN A 105 -1.10 -16.59 -24.74
CA ASN A 105 -0.43 -17.21 -25.87
C ASN A 105 0.82 -17.98 -25.46
N GLN A 106 1.54 -17.46 -24.46
CA GLN A 106 2.75 -18.11 -23.97
C GLN A 106 2.42 -19.33 -23.13
N PHE A 107 1.47 -19.16 -22.21
CA PHE A 107 1.06 -20.25 -21.34
C PHE A 107 0.66 -21.50 -22.13
N PHE A 108 -0.19 -21.32 -23.14
CA PHE A 108 -0.77 -22.43 -23.87
C PHE A 108 -0.06 -22.72 -25.19
N SER A 109 1.16 -22.21 -25.34
CA SER A 109 1.90 -22.29 -26.61
C SER A 109 0.95 -22.06 -27.80
N LYS A 110 0.32 -20.88 -27.79
CA LYS A 110 -0.68 -20.53 -28.79
C LYS A 110 -0.32 -19.20 -29.45
N THR A 111 -1.21 -18.74 -30.31
CA THR A 111 -0.98 -17.57 -31.13
C THR A 111 -2.31 -16.81 -31.32
N CYS A 112 -3.20 -16.95 -30.32
CA CYS A 112 -4.54 -16.37 -30.36
C CYS A 112 -4.55 -14.87 -30.58
N SER A 113 -5.45 -14.42 -31.44
CA SER A 113 -5.85 -13.04 -31.49
C SER A 113 -6.67 -12.78 -30.20
N PRO A 114 -7.09 -11.53 -29.92
CA PRO A 114 -7.89 -11.27 -28.73
C PRO A 114 -9.21 -12.05 -28.65
N ASP A 115 -9.97 -12.07 -29.74
CA ASP A 115 -11.27 -12.75 -29.77
C ASP A 115 -11.14 -14.26 -29.63
N GLU A 116 -10.06 -14.81 -30.17
CA GLU A 116 -9.76 -16.22 -30.02
C GLU A 116 -9.40 -16.52 -28.56
N ALA A 117 -8.73 -15.58 -27.89
CA ALA A 117 -8.34 -15.78 -26.50
C ALA A 117 -9.55 -15.76 -25.55
N ARG A 118 -10.55 -14.94 -25.87
CA ARG A 118 -11.80 -14.87 -25.12
C ARG A 118 -12.57 -16.19 -25.16
N ALA A 119 -12.46 -16.86 -26.30
CA ALA A 119 -13.12 -18.15 -26.51
C ALA A 119 -12.37 -19.22 -25.71
N LEU A 120 -11.04 -19.11 -25.69
CA LEU A 120 -10.19 -20.05 -24.99
C LEU A 120 -10.43 -19.96 -23.49
N ILE A 121 -10.49 -18.74 -22.96
CA ILE A 121 -10.75 -18.52 -21.54
C ILE A 121 -12.15 -18.99 -21.16
N ALA A 122 -13.11 -18.85 -22.07
CA ALA A 122 -14.48 -19.32 -21.85
C ALA A 122 -14.53 -20.85 -21.83
N GLU A 123 -13.84 -21.50 -22.77
CA GLU A 123 -13.79 -22.95 -22.84
C GLU A 123 -12.72 -23.56 -21.93
N LYS A 124 -12.15 -22.71 -21.06
CA LYS A 124 -11.19 -23.13 -20.06
C LYS A 124 -11.80 -22.91 -18.68
N GLY A 125 -12.71 -21.95 -18.57
CA GLY A 125 -13.43 -21.68 -17.34
C GLY A 125 -14.23 -22.90 -16.93
N ASP A 126 -14.28 -23.18 -15.62
CA ASP A 126 -15.00 -24.37 -15.16
C ASP A 126 -16.49 -24.12 -15.18
N SER A 127 -17.16 -24.87 -16.06
CA SER A 127 -18.61 -24.81 -16.20
C SER A 127 -19.31 -25.80 -15.23
N THR A 128 -19.26 -25.48 -13.93
CA THR A 128 -19.91 -26.27 -12.90
C THR A 128 -20.53 -25.37 -11.83
N ILE A 129 -19.80 -25.07 -10.74
CA ILE A 129 -20.40 -24.44 -9.55
C ILE A 129 -21.36 -23.30 -9.91
N ALA A 130 -22.66 -23.59 -9.74
CA ALA A 130 -23.73 -22.66 -10.05
C ALA A 130 -23.45 -21.29 -9.47
N ASP A 131 -23.35 -21.24 -8.14
CA ASP A 131 -23.07 -20.00 -7.43
C ASP A 131 -21.77 -20.14 -6.64
N PRO A 132 -20.63 -19.72 -7.25
CA PRO A 132 -19.34 -19.77 -6.54
C PRO A 132 -19.38 -19.03 -5.21
N GLN A 133 -19.02 -19.75 -4.14
CA GLN A 133 -19.02 -19.21 -2.78
C GLN A 133 -17.59 -18.92 -2.31
N THR A 134 -16.64 -19.50 -3.03
CA THR A 134 -15.22 -19.50 -2.67
C THR A 134 -14.39 -18.77 -3.73
N PHE A 135 -13.27 -18.19 -3.29
CA PHE A 135 -12.27 -17.61 -4.19
C PHE A 135 -11.65 -18.68 -5.10
N GLU A 136 -11.43 -19.88 -4.56
CA GLU A 136 -10.98 -21.02 -5.38
C GLU A 136 -11.93 -21.30 -6.54
N GLU A 137 -13.23 -21.41 -6.26
CA GLU A 137 -14.21 -21.76 -7.29
C GLU A 137 -14.59 -20.59 -8.20
N GLU A 138 -14.45 -19.37 -7.69
CA GLU A 138 -14.64 -18.17 -8.51
C GLU A 138 -13.55 -18.08 -9.57
N ALA A 139 -12.31 -18.28 -9.13
CA ALA A 139 -11.15 -18.36 -10.01
C ALA A 139 -11.34 -19.46 -11.06
N LEU A 140 -11.68 -20.67 -10.60
CA LEU A 140 -11.88 -21.83 -11.48
C LEU A 140 -12.95 -21.58 -12.54
N ARG A 141 -14.05 -20.94 -12.14
CA ARG A 141 -15.11 -20.57 -13.08
C ARG A 141 -14.53 -19.64 -14.14
N PHE A 142 -13.90 -18.56 -13.68
CA PHE A 142 -13.31 -17.54 -14.56
C PHE A 142 -12.25 -18.10 -15.54
N ILE A 143 -11.15 -18.60 -15.01
CA ILE A 143 -9.94 -18.91 -15.79
C ILE A 143 -9.59 -20.41 -15.89
N GLY A 144 -10.26 -21.23 -15.10
CA GLY A 144 -10.02 -22.67 -15.12
C GLY A 144 -8.87 -23.07 -14.23
N LYS A 145 -8.45 -24.32 -14.33
CA LYS A 145 -7.56 -24.95 -13.34
C LYS A 145 -6.07 -24.63 -13.52
N GLU A 146 -5.54 -24.82 -14.73
CA GLU A 146 -4.12 -24.57 -14.98
C GLU A 146 -3.69 -23.16 -14.56
N LEU A 147 -4.49 -22.16 -14.92
CA LEU A 147 -4.19 -20.77 -14.60
C LEU A 147 -4.45 -20.43 -13.15
N TYR A 148 -5.50 -21.02 -12.57
CA TYR A 148 -5.79 -20.76 -11.16
C TYR A 148 -4.58 -21.22 -10.35
N GLU A 149 -4.12 -22.42 -10.66
CA GLU A 149 -2.99 -23.04 -9.96
C GLU A 149 -1.64 -22.37 -10.25
N ALA A 150 -1.38 -22.10 -11.51
CA ALA A 150 -0.18 -21.38 -11.92
C ALA A 150 -0.05 -20.01 -11.25
N PHE A 151 -1.12 -19.20 -11.31
CA PHE A 151 -1.01 -17.78 -10.97
C PHE A 151 -1.71 -17.29 -9.69
N PHE A 152 -2.62 -18.10 -9.14
CA PHE A 152 -3.47 -17.63 -8.03
C PHE A 152 -3.34 -18.42 -6.73
N LYS A 153 -3.31 -19.75 -6.83
CA LYS A 153 -3.30 -20.63 -5.65
C LYS A 153 -2.08 -20.43 -4.72
N GLY A 154 -0.88 -20.68 -5.24
CA GLY A 154 0.36 -20.57 -4.47
C GLY A 154 0.66 -19.18 -4.00
N TYR A 155 0.23 -18.19 -4.77
CA TYR A 155 0.42 -16.78 -4.41
C TYR A 155 -0.45 -16.38 -3.23
N THR A 156 -1.69 -16.87 -3.19
CA THR A 156 -2.57 -16.64 -2.06
C THR A 156 -2.01 -17.29 -0.78
N ILE A 157 -1.64 -18.56 -0.87
CA ILE A 157 -1.08 -19.31 0.26
C ILE A 157 0.13 -18.62 0.88
N LYS A 158 1.02 -18.10 0.02
CA LYS A 158 2.23 -17.41 0.48
C LYS A 158 1.92 -16.03 1.03
N GLN A 159 1.07 -15.30 0.30
CA GLN A 159 0.78 -13.91 0.61
C GLN A 159 -0.15 -13.77 1.81
N TRP A 160 -1.14 -14.64 1.91
CA TRP A 160 -2.15 -14.51 2.95
C TRP A 160 -2.10 -15.57 4.04
N GLY A 161 -1.32 -16.62 3.82
CA GLY A 161 -1.26 -17.73 4.78
C GLY A 161 -2.63 -18.37 4.89
N MET A 162 -3.27 -18.56 3.73
CA MET A 162 -4.62 -19.07 3.64
C MET A 162 -4.82 -19.80 2.33
N GLN A 163 -5.68 -20.82 2.36
CA GLN A 163 -6.10 -21.49 1.15
C GLN A 163 -7.17 -20.60 0.50
N PRO A 164 -7.10 -20.44 -0.84
CA PRO A 164 -8.16 -19.72 -1.56
C PRO A 164 -9.56 -20.28 -1.33
N SER A 165 -9.66 -21.54 -0.89
CA SER A 165 -10.95 -22.12 -0.51
C SER A 165 -11.50 -21.59 0.82
N GLU A 166 -10.63 -20.95 1.60
CA GLU A 166 -10.97 -20.31 2.88
C GLU A 166 -11.40 -18.85 2.73
N LEU A 167 -11.30 -18.32 1.51
CA LEU A 167 -11.66 -16.94 1.22
C LEU A 167 -12.95 -16.90 0.41
N PRO A 168 -13.72 -15.79 0.54
CA PRO A 168 -15.02 -15.74 -0.15
C PRO A 168 -14.88 -15.39 -1.63
N ALA A 169 -15.93 -15.64 -2.42
CA ALA A 169 -15.93 -15.30 -3.85
C ALA A 169 -15.76 -13.80 -4.11
N SER A 170 -16.07 -12.98 -3.09
CA SER A 170 -15.96 -11.52 -3.14
C SER A 170 -14.60 -10.97 -3.57
N ILE A 171 -13.53 -11.73 -3.35
CA ILE A 171 -12.17 -11.25 -3.65
C ILE A 171 -11.94 -11.04 -5.17
N LEU A 172 -12.64 -11.83 -5.97
CA LEU A 172 -12.50 -11.80 -7.42
C LEU A 172 -13.82 -11.42 -8.10
N LYS A 173 -14.07 -10.12 -8.21
CA LYS A 173 -15.34 -9.61 -8.78
C LYS A 173 -15.46 -9.82 -10.29
N ARG A 174 -14.32 -9.71 -10.98
CA ARG A 174 -14.26 -9.76 -12.44
C ARG A 174 -13.23 -10.77 -12.96
N LEU A 175 -13.48 -11.27 -14.17
CA LEU A 175 -12.49 -12.07 -14.90
C LEU A 175 -11.16 -11.31 -14.91
N PRO A 176 -10.10 -11.91 -14.30
CA PRO A 176 -8.76 -11.29 -14.23
C PRO A 176 -7.89 -11.58 -15.47
N VAL A 177 -8.33 -11.10 -16.63
CA VAL A 177 -7.62 -11.24 -17.90
C VAL A 177 -7.87 -9.97 -18.71
N ARG A 178 -6.86 -9.53 -19.44
CA ARG A 178 -6.95 -8.38 -20.33
C ARG A 178 -6.64 -8.90 -21.72
N PHE A 179 -7.57 -8.68 -22.67
CA PHE A 179 -7.48 -9.34 -23.96
C PHE A 179 -6.71 -8.53 -25.02
N ASN A 180 -5.54 -8.03 -24.62
CA ASN A 180 -4.62 -7.35 -25.53
C ASN A 180 -3.22 -7.46 -24.98
N TYR A 181 -2.27 -6.80 -25.65
CA TYR A 181 -0.85 -6.88 -25.33
C TYR A 181 -0.35 -5.76 -24.41
N ASP A 182 -1.27 -4.90 -23.93
CA ASP A 182 -0.95 -3.87 -22.92
C ASP A 182 -0.47 -4.54 -21.65
N ASP A 183 0.73 -4.17 -21.19
CA ASP A 183 1.26 -4.82 -20.00
C ASP A 183 1.58 -3.85 -18.87
N ASN A 184 1.03 -2.64 -18.99
CA ASN A 184 0.93 -1.74 -17.84
C ASN A 184 0.18 -2.47 -16.74
N TYR A 185 0.76 -2.47 -15.54
CA TYR A 185 0.15 -3.14 -14.40
C TYR A 185 -1.07 -2.37 -13.93
N PHE A 186 -0.97 -1.05 -13.95
CA PHE A 186 -1.98 -0.16 -13.38
C PHE A 186 -2.71 0.64 -14.46
N ASN A 187 -4.02 0.76 -14.29
CA ASN A 187 -4.86 1.43 -15.27
C ASN A 187 -5.09 2.92 -15.00
N HIS A 188 -4.53 3.42 -13.89
CA HIS A 188 -4.66 4.81 -13.46
C HIS A 188 -4.17 5.79 -14.52
N LYS A 189 -4.82 6.97 -14.56
CA LYS A 189 -4.48 7.99 -15.54
C LYS A 189 -3.10 8.59 -15.33
N PHE A 190 -2.75 8.84 -14.06
CA PHE A 190 -1.49 9.49 -13.70
C PHE A 190 -0.54 8.52 -12.99
N GLN A 191 0.63 8.33 -13.56
CA GLN A 191 1.57 7.35 -13.05
C GLN A 191 2.97 7.89 -13.10
N GLY A 192 3.62 7.98 -11.94
CA GLY A 192 4.95 8.53 -11.90
C GLY A 192 5.79 8.08 -10.71
N MET A 193 6.96 8.66 -10.62
CA MET A 193 7.93 8.32 -9.62
C MET A 193 8.66 9.62 -9.29
N PRO A 194 8.76 9.96 -7.98
CA PRO A 194 9.46 11.19 -7.59
C PRO A 194 10.93 11.09 -7.95
N LYS A 195 11.45 12.09 -8.65
CA LYS A 195 12.81 12.04 -9.13
C LYS A 195 13.83 11.77 -8.01
N CYS A 196 13.58 12.40 -6.87
CA CYS A 196 14.52 12.42 -5.75
C CYS A 196 13.92 11.65 -4.58
N GLY A 197 12.83 10.92 -4.87
CA GLY A 197 12.23 10.00 -3.90
C GLY A 197 11.09 10.56 -3.06
N TYR A 198 10.33 9.65 -2.45
CA TYR A 198 9.23 10.01 -1.57
C TYR A 198 9.65 10.75 -0.33
N THR A 199 10.82 10.42 0.22
CA THR A 199 11.32 11.10 1.41
C THR A 199 11.55 12.59 1.17
N GLN A 200 12.20 12.94 0.05
CA GLN A 200 12.35 14.36 -0.30
C GLN A 200 11.01 15.01 -0.54
N MET A 201 10.10 14.30 -1.21
CA MET A 201 8.75 14.77 -1.42
C MET A 201 8.02 15.15 -0.11
N ILE A 202 8.06 14.24 0.86
CA ILE A 202 7.42 14.44 2.14
C ILE A 202 8.16 15.46 2.99
N LYS A 203 9.47 15.59 2.77
CA LYS A 203 10.28 16.62 3.46
C LYS A 203 9.81 17.99 3.02
N SER A 204 9.51 18.12 1.74
CA SER A 204 9.02 19.35 1.16
C SER A 204 7.64 19.67 1.73
N ILE A 205 6.79 18.66 1.77
CA ILE A 205 5.47 18.79 2.37
C ILE A 205 5.58 19.28 3.81
N LEU A 206 6.60 18.83 4.53
CA LEU A 206 6.77 19.22 5.94
C LEU A 206 7.47 20.56 6.07
N ASN A 207 7.91 21.11 4.93
CA ASN A 207 8.73 22.31 4.97
C ASN A 207 7.88 23.56 5.19
N HIS A 208 7.51 23.78 6.45
CA HIS A 208 6.73 24.96 6.83
C HIS A 208 7.05 25.44 8.27
N GLU A 209 7.12 26.76 8.43
CA GLU A 209 7.43 27.43 9.72
C GLU A 209 6.54 26.93 10.85
N ASN A 210 5.29 26.60 10.51
CA ASN A 210 4.30 26.21 11.51
C ASN A 210 4.35 24.72 11.90
N ILE A 211 5.26 23.99 11.26
CA ILE A 211 5.46 22.56 11.55
C ILE A 211 6.77 22.34 12.30
N LYS A 212 6.67 21.69 13.47
CA LYS A 212 7.84 21.17 14.17
C LYS A 212 7.79 19.62 14.11
N VAL A 213 8.86 19.02 13.59
CA VAL A 213 9.04 17.57 13.54
C VAL A 213 9.98 17.04 14.67
N ASP A 214 9.51 16.05 15.42
CA ASP A 214 10.35 15.39 16.43
C ASP A 214 10.44 13.90 16.12
N LEU A 215 11.62 13.43 15.81
CA LEU A 215 11.81 12.01 15.47
C LEU A 215 12.24 11.19 16.70
N GLN A 216 12.30 9.88 16.51
CA GLN A 216 12.63 8.92 17.58
C GLN A 216 11.76 9.16 18.82
N ARG A 217 10.54 9.64 18.59
CA ARG A 217 9.63 9.97 19.68
C ARG A 217 8.32 9.22 19.60
N GLU A 218 8.09 8.34 20.56
CA GLU A 218 6.82 7.63 20.69
C GLU A 218 5.76 8.52 21.29
N PHE A 219 4.54 8.37 20.80
CA PHE A 219 3.38 9.01 21.42
C PHE A 219 3.26 8.55 22.89
N ILE A 220 2.92 9.48 23.77
CA ILE A 220 2.50 9.14 25.13
C ILE A 220 1.14 9.76 25.37
N VAL A 221 0.18 8.94 25.78
CA VAL A 221 -1.23 9.32 25.92
C VAL A 221 -1.46 10.61 26.73
N GLU A 222 -0.61 10.83 27.73
CA GLU A 222 -0.72 11.98 28.65
C GLU A 222 -0.63 13.34 27.94
N GLU A 223 0.25 13.43 26.94
CA GLU A 223 0.43 14.63 26.09
C GLU A 223 -0.86 15.19 25.52
N ARG A 224 -1.83 14.32 25.28
CA ARG A 224 -3.10 14.66 24.65
C ARG A 224 -3.68 15.98 25.12
N THR A 225 -3.53 16.24 26.42
CA THR A 225 -4.12 17.40 27.09
C THR A 225 -3.41 18.74 26.78
N HIS A 226 -2.22 18.67 26.19
CA HIS A 226 -1.50 19.89 25.79
C HIS A 226 -1.94 20.43 24.42
N TYR A 227 -2.93 19.81 23.79
CA TYR A 227 -3.27 20.18 22.41
C TYR A 227 -4.75 20.39 22.19
N ASP A 228 -5.10 21.20 21.19
CA ASP A 228 -6.50 21.39 20.81
C ASP A 228 -7.12 20.17 20.12
N HIS A 229 -6.29 19.39 19.43
CA HIS A 229 -6.76 18.19 18.72
C HIS A 229 -5.59 17.28 18.37
N VAL A 230 -5.82 15.97 18.34
CA VAL A 230 -4.80 15.02 17.88
C VAL A 230 -5.24 14.32 16.58
N PHE A 231 -4.33 14.28 15.60
CA PHE A 231 -4.51 13.41 14.43
C PHE A 231 -3.57 12.21 14.57
N TYR A 232 -4.16 11.02 14.63
CA TYR A 232 -3.40 9.82 14.97
C TYR A 232 -3.37 8.80 13.82
N SER A 233 -2.18 8.59 13.28
CA SER A 233 -2.00 7.67 12.15
C SER A 233 -1.29 6.40 12.62
N GLY A 234 -1.25 6.21 13.94
CA GLY A 234 -0.70 4.99 14.53
C GLY A 234 -1.75 3.89 14.59
N PRO A 235 -1.30 2.64 14.84
CA PRO A 235 -2.21 1.49 14.91
C PRO A 235 -3.34 1.71 15.92
N LEU A 236 -4.60 1.56 15.47
CA LEU A 236 -5.78 1.82 16.32
C LEU A 236 -5.87 0.91 17.55
N ASP A 237 -5.54 -0.37 17.37
CA ASP A 237 -5.52 -1.29 18.51
C ASP A 237 -4.39 -0.96 19.52
N ALA A 238 -3.30 -0.39 19.00
CA ALA A 238 -2.13 -0.08 19.82
C ALA A 238 -2.44 1.10 20.73
N PHE A 239 -3.10 2.11 20.16
CA PHE A 239 -3.63 3.23 20.92
C PHE A 239 -4.37 2.75 22.18
N TYR A 240 -5.08 1.63 22.07
CA TYR A 240 -5.80 1.06 23.20
C TYR A 240 -5.05 -0.08 23.86
N GLY A 241 -3.74 -0.12 23.62
CA GLY A 241 -2.84 -1.07 24.26
C GLY A 241 -3.14 -2.53 23.93
N TYR A 242 -3.74 -2.78 22.76
CA TYR A 242 -4.29 -4.09 22.40
C TYR A 242 -5.04 -4.74 23.56
N GLN A 243 -5.99 -4.02 24.14
CA GLN A 243 -6.73 -4.52 25.30
C GLN A 243 -7.80 -5.54 24.91
N TYR A 244 -8.14 -5.59 23.63
CA TYR A 244 -9.10 -6.55 23.14
C TYR A 244 -8.42 -7.66 22.35
N GLY A 245 -7.13 -7.44 22.04
CA GLY A 245 -6.39 -8.34 21.15
C GLY A 245 -5.84 -7.62 19.92
N ARG A 246 -4.87 -8.26 19.26
CA ARG A 246 -4.22 -7.68 18.09
C ARG A 246 -5.03 -7.82 16.82
N LEU A 247 -5.15 -6.74 16.06
CA LEU A 247 -5.72 -6.78 14.71
C LEU A 247 -4.85 -7.59 13.74
N GLY A 248 -5.51 -8.44 12.94
CA GLY A 248 -4.83 -9.28 11.96
C GLY A 248 -4.06 -8.57 10.86
N TYR A 249 -2.78 -8.89 10.79
CA TYR A 249 -1.90 -8.33 9.78
C TYR A 249 -0.94 -9.39 9.25
N ARG A 250 -0.52 -9.23 8.01
CA ARG A 250 0.62 -9.95 7.48
C ARG A 250 1.83 -9.05 7.64
N THR A 251 2.96 -9.60 8.10
CA THR A 251 4.21 -8.82 8.04
C THR A 251 5.10 -9.20 6.85
N LEU A 252 6.06 -8.34 6.51
CA LEU A 252 7.03 -8.64 5.46
C LEU A 252 8.45 -8.57 5.99
N ASP A 253 9.24 -9.59 5.72
CA ASP A 253 10.69 -9.52 5.90
C ASP A 253 11.32 -9.24 4.54
N PHE A 254 12.22 -8.26 4.50
CA PHE A 254 13.01 -8.00 3.30
C PHE A 254 14.47 -8.37 3.54
N LYS A 255 14.95 -9.35 2.79
CA LYS A 255 16.36 -9.72 2.81
C LYS A 255 17.12 -8.92 1.73
N LYS A 256 17.96 -7.99 2.21
CA LYS A 256 18.76 -7.09 1.38
C LYS A 256 20.01 -7.79 0.90
N PHE A 257 20.31 -7.64 -0.39
CA PHE A 257 21.57 -8.09 -0.96
C PHE A 257 21.98 -7.16 -2.10
N THR A 258 23.28 -7.11 -2.38
CA THR A 258 23.80 -6.26 -3.42
C THR A 258 24.40 -7.15 -4.51
N TYR A 259 24.03 -6.84 -5.75
CA TYR A 259 24.54 -7.54 -6.93
C TYR A 259 25.36 -6.55 -7.76
N GLN A 260 26.45 -7.02 -8.35
CA GLN A 260 27.23 -6.21 -9.29
C GLN A 260 26.66 -6.43 -10.68
N GLY A 261 25.95 -5.43 -11.20
CA GLY A 261 25.29 -5.56 -12.50
C GLY A 261 23.79 -5.60 -12.32
N ASP A 262 23.38 -6.41 -12.93
CA ASP A 262 21.96 -6.41 -13.02
C ASP A 262 21.34 -7.76 -12.65
N TYR A 263 20.66 -7.79 -11.48
CA TYR A 263 20.24 -9.07 -10.91
C TYR A 263 19.08 -9.74 -11.67
N GLN A 264 18.05 -8.98 -12.05
CA GLN A 264 16.87 -9.56 -12.70
C GLN A 264 16.35 -8.83 -13.92
N GLY A 265 16.84 -7.62 -14.19
CA GLY A 265 16.43 -6.87 -15.39
C GLY A 265 15.04 -6.25 -15.40
N CYS A 266 14.40 -6.18 -14.23
CA CYS A 266 13.11 -5.50 -14.07
C CYS A 266 13.00 -5.12 -12.60
N ALA A 267 12.12 -4.16 -12.29
CA ALA A 267 11.92 -3.71 -10.90
C ALA A 267 11.39 -4.82 -9.98
N VAL A 268 10.44 -5.58 -10.50
CA VAL A 268 9.67 -6.52 -9.69
C VAL A 268 9.42 -7.81 -10.47
N MET A 269 9.83 -8.92 -9.87
CA MET A 269 9.58 -10.26 -10.36
C MET A 269 8.85 -11.01 -9.25
N ASN A 270 7.64 -11.44 -9.57
CA ASN A 270 6.84 -12.31 -8.70
C ASN A 270 7.22 -13.78 -8.84
N TYR A 271 7.20 -14.52 -7.73
CA TYR A 271 7.38 -15.96 -7.77
C TYR A 271 6.11 -16.60 -7.21
N CYS A 272 5.27 -17.10 -8.12
CA CYS A 272 3.92 -17.53 -7.78
C CYS A 272 3.88 -18.89 -7.09
N SER A 273 4.94 -19.67 -7.23
CA SER A 273 5.00 -21.01 -6.65
C SER A 273 5.23 -21.02 -5.14
N VAL A 274 4.60 -22.00 -4.48
CA VAL A 274 4.87 -22.34 -3.09
C VAL A 274 6.30 -22.91 -2.90
N ASP A 275 6.81 -23.57 -3.93
CA ASP A 275 8.20 -24.06 -3.97
C ASP A 275 9.26 -22.94 -3.97
N VAL A 276 8.82 -21.68 -4.07
CA VAL A 276 9.70 -20.54 -3.83
C VAL A 276 9.21 -19.81 -2.56
N PRO A 277 10.07 -19.73 -1.52
CA PRO A 277 9.58 -19.25 -0.21
C PRO A 277 9.35 -17.72 -0.15
N TYR A 278 10.13 -16.97 -0.94
CA TYR A 278 9.91 -15.56 -1.10
C TYR A 278 8.85 -15.34 -2.18
N THR A 279 8.21 -14.18 -2.10
CA THR A 279 6.99 -13.88 -2.81
C THR A 279 7.34 -13.09 -4.09
N ARG A 280 8.43 -12.34 -4.02
CA ARG A 280 8.95 -11.58 -5.12
C ARG A 280 10.29 -10.97 -4.79
N ILE A 281 11.01 -10.59 -5.84
CA ILE A 281 12.31 -9.96 -5.73
C ILE A 281 12.15 -8.62 -6.40
N THR A 282 12.57 -7.58 -5.70
CA THR A 282 12.54 -6.25 -6.26
C THR A 282 13.97 -5.73 -6.43
N GLU A 283 14.26 -5.19 -7.61
CA GLU A 283 15.57 -4.60 -7.89
C GLU A 283 15.42 -3.10 -8.01
N HIS A 284 15.75 -2.41 -6.92
CA HIS A 284 15.34 -1.02 -6.71
C HIS A 284 15.79 -0.03 -7.78
N LYS A 285 16.99 -0.24 -8.35
CA LYS A 285 17.49 0.69 -9.37
C LYS A 285 16.55 0.83 -10.56
N TYR A 286 15.72 -0.19 -10.80
CA TYR A 286 14.72 -0.15 -11.86
C TYR A 286 13.58 0.82 -11.63
N PHE A 287 13.44 1.32 -10.41
CA PHE A 287 12.43 2.36 -10.13
C PHE A 287 12.93 3.74 -10.50
N SER A 288 14.23 3.85 -10.79
CA SER A 288 14.86 5.10 -11.23
C SER A 288 15.58 5.02 -12.58
N PRO A 289 14.84 4.76 -13.68
CA PRO A 289 15.50 4.51 -14.98
C PRO A 289 16.32 5.69 -15.50
N TRP A 290 16.09 6.89 -14.94
CA TRP A 290 16.84 8.07 -15.31
C TRP A 290 18.20 8.11 -14.61
N GLU A 291 18.44 7.15 -13.71
CA GLU A 291 19.76 6.99 -13.05
C GLU A 291 20.44 5.72 -13.58
N GLN A 292 21.78 5.74 -13.64
CA GLN A 292 22.60 4.53 -13.89
C GLN A 292 23.37 4.10 -12.64
N HIS A 293 23.25 2.82 -12.28
CA HIS A 293 23.96 2.25 -11.12
C HIS A 293 24.68 0.92 -11.38
N ASP A 294 25.96 0.87 -11.05
CA ASP A 294 26.77 -0.32 -11.30
C ASP A 294 26.32 -1.45 -10.39
N GLY A 295 26.28 -1.14 -9.09
CA GLY A 295 25.83 -2.07 -8.10
C GLY A 295 24.33 -1.97 -8.01
N SER A 296 23.71 -3.02 -7.49
CA SER A 296 22.27 -3.05 -7.40
C SER A 296 21.80 -3.63 -6.09
N VAL A 297 20.98 -2.86 -5.38
CA VAL A 297 20.34 -3.34 -4.17
C VAL A 297 19.00 -3.99 -4.51
N CYS A 298 18.86 -5.25 -4.05
CA CYS A 298 17.67 -6.06 -4.25
C CYS A 298 17.10 -6.55 -2.93
N TYR A 299 15.78 -6.76 -2.91
CA TYR A 299 15.12 -7.37 -1.74
C TYR A 299 14.45 -8.66 -2.16
N LYS A 300 14.79 -9.76 -1.50
CA LYS A 300 13.89 -10.91 -1.48
C LYS A 300 12.84 -10.61 -0.41
N GLU A 301 11.57 -10.83 -0.76
CA GLU A 301 10.46 -10.46 0.10
C GLU A 301 9.71 -11.69 0.64
N TYR A 302 9.49 -11.71 1.95
CA TYR A 302 8.85 -12.85 2.61
C TYR A 302 7.60 -12.42 3.41
N SER A 303 6.49 -13.11 3.15
CA SER A 303 5.21 -12.86 3.84
C SER A 303 5.00 -13.80 5.02
N ARG A 304 4.39 -13.29 6.07
CA ARG A 304 4.43 -13.96 7.35
C ARG A 304 3.34 -13.38 8.25
N ALA A 305 2.96 -14.14 9.27
CA ALA A 305 2.04 -13.64 10.30
C ALA A 305 2.73 -12.53 11.06
N CYS A 306 2.01 -11.44 11.32
CA CYS A 306 2.57 -10.32 12.06
C CYS A 306 2.54 -10.63 13.56
N GLU A 307 3.67 -11.12 14.07
CA GLU A 307 3.87 -11.29 15.53
C GLU A 307 4.12 -9.94 16.20
N GLU A 308 4.24 -9.93 17.52
CA GLU A 308 4.18 -8.71 18.31
C GLU A 308 5.23 -7.63 17.99
N ASN A 309 6.43 -8.07 17.61
CA ASN A 309 7.52 -7.15 17.30
C ASN A 309 7.56 -6.61 15.86
N ASP A 310 6.59 -7.01 15.03
CA ASP A 310 6.67 -6.73 13.60
C ASP A 310 6.00 -5.44 13.15
N ILE A 311 6.54 -4.86 12.09
CA ILE A 311 5.84 -3.82 11.36
C ILE A 311 4.60 -4.44 10.70
N PRO A 312 3.41 -3.89 11.00
CA PRO A 312 2.21 -4.38 10.32
C PRO A 312 2.18 -3.87 8.89
N TYR A 313 1.84 -4.73 7.93
CA TYR A 313 1.86 -4.32 6.53
C TYR A 313 0.50 -4.42 5.85
N TYR A 314 0.02 -5.65 5.68
CA TYR A 314 -1.23 -5.92 5.01
C TYR A 314 -2.26 -6.38 6.02
N PRO A 315 -3.38 -5.63 6.17
CA PRO A 315 -4.46 -6.05 7.09
C PRO A 315 -5.28 -7.24 6.52
N ILE A 316 -5.53 -8.25 7.35
CA ILE A 316 -6.26 -9.45 6.92
C ILE A 316 -7.75 -9.16 6.68
N ARG A 317 -8.43 -8.59 7.67
CA ARG A 317 -9.78 -8.01 7.51
C ARG A 317 -10.94 -8.96 7.19
N GLN A 318 -10.86 -10.23 7.61
CA GLN A 318 -12.00 -11.12 7.39
C GLN A 318 -12.96 -11.01 8.58
N MET A 319 -13.91 -11.93 8.70
CA MET A 319 -14.98 -11.81 9.70
C MET A 319 -14.49 -11.54 11.12
N GLY A 320 -13.62 -12.40 11.63
CA GLY A 320 -13.13 -12.29 13.01
C GLY A 320 -12.28 -11.06 13.32
N GLU A 321 -11.58 -10.56 12.29
CA GLU A 321 -10.83 -9.30 12.41
C GLU A 321 -11.78 -8.13 12.58
N MET A 322 -12.72 -8.01 11.64
CA MET A 322 -13.80 -7.00 11.70
C MET A 322 -14.60 -7.05 13.01
N ALA A 323 -14.82 -8.26 13.52
CA ALA A 323 -15.44 -8.44 14.82
C ALA A 323 -14.59 -7.77 15.90
N LEU A 324 -13.28 -8.00 15.87
CA LEU A 324 -12.37 -7.41 16.84
C LEU A 324 -12.18 -5.90 16.65
N LEU A 325 -12.25 -5.44 15.38
CA LEU A 325 -12.22 -4.01 15.08
C LEU A 325 -13.38 -3.25 15.73
N GLU A 326 -14.58 -3.80 15.59
CA GLU A 326 -15.82 -3.21 16.13
C GLU A 326 -15.73 -2.88 17.63
N LYS A 327 -14.90 -3.63 18.36
CA LYS A 327 -14.65 -3.36 19.77
C LYS A 327 -13.86 -2.06 19.95
N TYR A 328 -12.81 -1.89 19.15
CA TYR A 328 -12.00 -0.67 19.15
C TYR A 328 -12.81 0.52 18.64
N LEU A 329 -13.47 0.35 17.51
CA LEU A 329 -14.37 1.35 16.94
C LEU A 329 -15.38 1.93 17.93
N SER A 330 -15.96 1.11 18.80
CA SER A 330 -16.92 1.67 19.74
C SER A 330 -16.27 2.29 20.99
N LEU A 331 -14.99 1.98 21.22
CA LEU A 331 -14.19 2.74 22.20
C LEU A 331 -13.84 4.08 21.58
N ALA A 332 -13.35 4.04 20.35
CA ALA A 332 -12.87 5.22 19.63
C ALA A 332 -13.95 6.28 19.38
N GLU A 333 -15.13 5.82 18.95
CA GLU A 333 -16.25 6.73 18.66
C GLU A 333 -16.77 7.45 19.90
N ASN A 334 -16.29 7.04 21.08
CA ASN A 334 -16.50 7.75 22.34
C ASN A 334 -15.47 8.83 22.66
N GLU A 335 -14.42 8.93 21.85
CA GLU A 335 -13.33 9.86 22.13
C GLU A 335 -13.64 11.30 21.69
N THR A 336 -13.08 12.27 22.38
CA THR A 336 -13.50 13.66 22.19
C THR A 336 -12.62 14.60 21.35
N ASN A 337 -11.31 14.52 21.45
CA ASN A 337 -10.51 15.50 20.70
C ASN A 337 -9.44 14.87 19.82
N ILE A 338 -9.83 13.85 19.10
CA ILE A 338 -8.91 13.04 18.33
C ILE A 338 -9.57 12.57 17.04
N THR A 339 -8.75 12.40 16.00
CA THR A 339 -9.18 11.79 14.75
C THR A 339 -8.13 10.77 14.30
N PHE A 340 -8.58 9.52 14.15
CA PHE A 340 -7.73 8.46 13.68
C PHE A 340 -7.79 8.46 12.16
N VAL A 341 -6.61 8.52 11.54
CA VAL A 341 -6.46 8.53 10.09
C VAL A 341 -5.45 7.47 9.61
N GLY A 342 -5.45 7.20 8.31
CA GLY A 342 -4.38 6.46 7.68
C GLY A 342 -4.55 4.97 7.69
N ARG A 343 -3.63 4.27 7.03
CA ARG A 343 -3.69 2.81 6.91
C ARG A 343 -3.77 2.10 8.27
N LEU A 344 -3.10 2.64 9.28
CA LEU A 344 -3.06 1.97 10.60
C LEU A 344 -4.14 2.47 11.55
N GLY A 345 -4.42 3.77 11.51
CA GLY A 345 -5.45 4.34 12.36
C GLY A 345 -6.86 3.90 11.99
N THR A 346 -6.99 3.25 10.85
CA THR A 346 -8.31 2.87 10.33
C THR A 346 -8.34 1.42 9.84
N TYR A 347 -7.18 0.75 9.87
CA TYR A 347 -7.10 -0.68 9.60
C TYR A 347 -7.56 -1.03 8.19
N ARG A 348 -7.09 -0.25 7.23
CA ARG A 348 -7.40 -0.46 5.83
C ARG A 348 -6.09 -0.45 5.07
N TYR A 349 -6.04 -1.09 3.90
CA TYR A 349 -4.92 -0.88 3.01
C TYR A 349 -5.26 0.34 2.17
N LEU A 350 -4.36 1.33 2.18
CA LEU A 350 -4.56 2.52 1.36
C LEU A 350 -3.32 2.76 0.55
N ASP A 351 -3.53 3.10 -0.72
CA ASP A 351 -2.44 3.54 -1.57
C ASP A 351 -2.05 4.97 -1.15
N MET A 352 -0.90 5.41 -1.64
CA MET A 352 -0.34 6.73 -1.35
C MET A 352 -1.28 7.84 -1.77
N ASP A 353 -1.83 7.73 -2.98
CA ASP A 353 -2.68 8.78 -3.53
C ASP A 353 -3.99 8.88 -2.76
N VAL A 354 -4.52 7.72 -2.36
CA VAL A 354 -5.74 7.64 -1.56
C VAL A 354 -5.48 8.15 -0.13
N THR A 355 -4.28 7.87 0.39
CA THR A 355 -3.86 8.47 1.64
C THR A 355 -3.90 10.01 1.62
N ILE A 356 -3.22 10.62 0.64
CA ILE A 356 -3.16 12.07 0.50
C ILE A 356 -4.57 12.65 0.32
N ALA A 357 -5.37 12.01 -0.53
CA ALA A 357 -6.77 12.38 -0.73
C ALA A 357 -7.53 12.49 0.58
N GLU A 358 -7.52 11.41 1.37
CA GLU A 358 -8.22 11.39 2.64
C GLU A 358 -7.62 12.40 3.62
N ALA A 359 -6.33 12.67 3.48
CA ALA A 359 -5.62 13.55 4.39
C ALA A 359 -5.98 15.00 4.10
N LEU A 360 -6.18 15.31 2.82
CA LEU A 360 -6.60 16.66 2.42
C LEU A 360 -8.03 16.92 2.88
N LYS A 361 -8.86 15.91 2.74
CA LYS A 361 -10.26 16.01 3.11
C LYS A 361 -10.35 16.15 4.63
N THR A 362 -9.59 15.32 5.35
CA THR A 362 -9.59 15.37 6.83
C THR A 362 -9.29 16.77 7.33
N ALA A 363 -8.27 17.41 6.75
CA ALA A 363 -7.89 18.75 7.18
C ALA A 363 -8.98 19.74 6.81
N GLU A 364 -9.59 19.55 5.64
CA GLU A 364 -10.66 20.41 5.13
C GLU A 364 -11.84 20.34 6.08
N VAL A 365 -12.19 19.12 6.48
CA VAL A 365 -13.23 18.87 7.47
C VAL A 365 -12.93 19.53 8.82
N TYR A 366 -11.70 19.39 9.31
CA TYR A 366 -11.29 19.99 10.58
C TYR A 366 -11.35 21.52 10.54
N LEU A 367 -10.81 22.09 9.46
CA LEU A 367 -10.83 23.53 9.28
C LEU A 367 -12.28 24.05 9.26
N ASN A 368 -13.13 23.44 8.42
CA ASN A 368 -14.55 23.76 8.40
C ASN A 368 -15.15 23.75 9.80
N SER A 369 -14.86 22.70 10.57
CA SER A 369 -15.40 22.58 11.93
C SER A 369 -15.07 23.77 12.83
N LEU A 370 -14.01 24.51 12.50
CA LEU A 370 -13.62 25.70 13.27
C LEU A 370 -14.44 26.94 12.89
N THR A 371 -14.51 27.19 11.58
CA THR A 371 -15.23 28.34 11.04
C THR A 371 -16.69 28.20 11.43
N GLU A 372 -17.21 27.00 11.28
CA GLU A 372 -18.61 26.73 11.60
C GLU A 372 -18.86 26.32 13.06
N ASN A 373 -17.87 26.60 13.93
CA ASN A 373 -17.80 26.08 15.32
C ASN A 373 -18.60 24.80 15.60
N GLN A 374 -18.06 23.68 15.13
CA GLN A 374 -18.74 22.38 15.17
C GLN A 374 -17.75 21.30 15.62
N PRO A 375 -18.24 20.17 16.19
CA PRO A 375 -17.33 19.10 16.63
C PRO A 375 -16.60 18.38 15.49
N MET A 376 -15.31 18.11 15.66
CA MET A 376 -14.54 17.35 14.69
C MET A 376 -14.71 15.84 14.92
N PRO A 377 -15.29 15.13 13.91
CA PRO A 377 -15.49 13.68 13.98
C PRO A 377 -14.21 12.88 14.23
N VAL A 378 -14.36 11.70 14.79
CA VAL A 378 -13.24 10.82 15.07
C VAL A 378 -12.78 10.11 13.82
N PHE A 379 -13.72 9.88 12.88
CA PHE A 379 -13.41 9.33 11.55
C PHE A 379 -14.02 10.18 10.43
N THR A 380 -13.22 10.47 9.41
CA THR A 380 -13.67 11.30 8.29
C THR A 380 -14.01 10.42 7.08
N VAL A 381 -13.78 9.11 7.26
CA VAL A 381 -14.03 8.12 6.23
C VAL A 381 -14.68 6.91 6.92
N SER A 382 -15.50 6.15 6.20
CA SER A 382 -16.15 5.01 6.83
C SER A 382 -15.19 3.80 6.94
N VAL A 383 -15.24 3.14 8.10
CA VAL A 383 -14.22 2.18 8.50
C VAL A 383 -14.71 0.73 8.52
N ARG A 384 -16.00 0.56 8.81
CA ARG A 384 -16.62 -0.76 8.86
C ARG A 384 -16.70 -1.41 7.48
PA FAD B . 2.32 5.16 7.58
O1A FAD B . 3.14 5.32 6.21
O2A FAD B . 2.44 3.78 8.12
O5B FAD B . 2.93 6.21 8.59
C5B FAD B . 2.65 6.15 10.00
C4B FAD B . 3.85 6.67 10.82
O4B FAD B . 3.42 6.69 12.17
C3B FAD B . 5.06 5.72 10.77
O3B FAD B . 6.19 6.47 10.34
C2B FAD B . 5.22 5.20 12.21
O2B FAD B . 6.58 5.16 12.64
C1B FAD B . 4.54 6.28 13.00
N9A FAD B . 3.92 5.85 14.29
C8A FAD B . 3.03 4.87 14.47
N7A FAD B . 2.68 4.80 15.76
C5A FAD B . 3.37 5.76 16.39
C6A FAD B . 3.44 6.17 17.71
N6A FAD B . 2.71 5.57 18.66
N1A FAD B . 4.26 7.20 18.01
C2A FAD B . 5.01 7.81 17.09
N3A FAD B . 4.96 7.43 15.83
C4A FAD B . 4.15 6.42 15.46
N1 FAD B . 0.89 2.76 -2.17
C2 FAD B . 0.91 3.12 -3.52
O2 FAD B . 0.16 4.00 -3.93
N3 FAD B . 1.79 2.46 -4.41
C4 FAD B . 2.63 1.45 -3.93
O4 FAD B . 3.40 0.88 -4.69
C4X FAD B . 2.63 1.08 -2.57
N5 FAD B . 3.50 0.07 -2.09
C5X FAD B . 3.24 -0.49 -0.81
C6 FAD B . 3.88 -1.66 -0.41
C7 FAD B . 3.58 -2.22 0.84
C7M FAD B . 4.33 -3.51 1.25
C8 FAD B . 2.65 -1.61 1.71
C8M FAD B . 2.34 -2.22 3.09
C9 FAD B . 2.01 -0.43 1.31
C9A FAD B . 2.31 0.13 0.05
N10 FAD B . 1.69 1.34 -0.37
C10 FAD B . 1.75 1.73 -1.72
C1' FAD B . 0.82 2.11 0.53
C2' FAD B . 1.61 3.19 1.26
O2' FAD B . 2.71 2.57 2.00
C3' FAD B . 0.65 3.92 2.21
O3' FAD B . -0.37 4.57 1.46
C4' FAD B . 1.35 4.93 3.07
O4' FAD B . 2.32 4.21 3.87
C5' FAD B . 0.34 5.61 4.01
O5' FAD B . 1.07 6.36 4.98
P FAD B . 0.46 6.90 6.33
O1P FAD B . -1.09 6.97 6.18
O2P FAD B . 1.01 8.25 6.60
O3P FAD B . 0.79 5.73 7.38
#